data_4NKE
#
_entry.id   4NKE
#
_cell.length_a   111.260
_cell.length_b   111.260
_cell.length_c   66.510
_cell.angle_alpha   90.00
_cell.angle_beta   90.00
_cell.angle_gamma   90.00
#
_symmetry.space_group_name_H-M   'P 41 21 2'
#
loop_
_entity.id
_entity.type
_entity.pdbx_description
1 polymer 'Farnesyl pyrophosphate synthase'
2 non-polymer 'MAGNESIUM ION'
3 non-polymer '1-HYDROXY-2-(3-PYRIDINYL)ETHYLIDENE BIS-PHOSPHONIC ACID'
4 non-polymer '3-METHYLBUT-3-ENYL TRIHYDROGEN DIPHOSPHATE'
5 non-polymer 1,2-ETHANEDIOL
6 water water
#
_entity_poly.entity_id   1
_entity_poly.type   'polypeptide(L)'
_entity_poly.pdbx_seq_one_letter_code
;MGSSHHHHHHSSGRENLYFQGHMNGDQNSDVYAQEKQDFVQHFSQIVRVLTEDEMGHPEIGDAIARLKEVLEYNTIGGKY
NRGLTVVVAFRELVEPRKQDADSLQRAWTVGWCVELLQAFFLVADDIMDSSLTRRGQICWYQKPGVGLDAINDANLLEAC
IYRLLKLYCREQPYYLNLIELFLQSSYQTEIGQTLDLLTAPQGNVDLVRFTEKRYKSIVKYKTAFYSFYLPIAAAMYMAG
IDGEKEHANAKKILLEMGEFAQIQDDYLDLFGDPSVTGKIGTDIQDNKCSWLVVQCLQRATPEQYQILKENYGQKEAEKV
ARVKALYEELDLPAVFLQYEEDSYSHIMALIEQYAAPLPPAVFLGLARKIYKRRK
;
_entity_poly.pdbx_strand_id   A
#
loop_
_chem_comp.id
_chem_comp.type
_chem_comp.name
_chem_comp.formula
EDO non-polymer 1,2-ETHANEDIOL 'C2 H6 O2'
IPE non-polymer '3-METHYLBUT-3-ENYL TRIHYDROGEN DIPHOSPHATE' 'C5 H12 O7 P2'
MG non-polymer 'MAGNESIUM ION' 'Mg 2'
RIS non-polymer '1-HYDROXY-2-(3-PYRIDINYL)ETHYLIDENE BIS-PHOSPHONIC ACID' 'C7 H11 N O7 P2'
#
# COMPACT_ATOMS: atom_id res chain seq x y z
N VAL A 31 19.91 12.71 3.74
CA VAL A 31 18.87 13.12 4.68
C VAL A 31 17.72 12.11 4.68
N TYR A 32 17.23 11.72 3.47
CA TYR A 32 16.14 10.74 3.33
C TYR A 32 16.60 9.31 3.65
N ALA A 33 17.84 8.96 3.24
CA ALA A 33 18.46 7.66 3.51
C ALA A 33 18.71 7.52 5.02
N GLN A 34 19.08 8.66 5.67
CA GLN A 34 19.31 8.72 7.10
C GLN A 34 17.99 8.51 7.84
N GLU A 35 16.87 9.12 7.36
CA GLU A 35 15.53 8.95 7.95
C GLU A 35 15.10 7.47 7.92
N LYS A 36 15.35 6.78 6.77
N LYS A 36 15.36 6.79 6.77
CA LYS A 36 15.05 5.36 6.59
CA LYS A 36 15.09 5.37 6.53
C LYS A 36 15.89 4.50 7.54
C LYS A 36 15.89 4.50 7.51
N GLN A 37 17.21 4.77 7.63
CA GLN A 37 18.10 4.00 8.52
C GLN A 37 17.64 4.17 9.99
N ASP A 38 17.28 5.39 10.39
CA ASP A 38 16.81 5.69 11.76
C ASP A 38 15.52 4.92 12.08
N PHE A 39 14.65 4.76 11.09
CA PHE A 39 13.39 4.05 11.30
C PHE A 39 13.62 2.54 11.44
N VAL A 40 14.49 1.96 10.60
CA VAL A 40 14.80 0.52 10.60
C VAL A 40 15.53 0.14 11.90
N GLN A 41 16.33 1.06 12.50
CA GLN A 41 17.05 0.78 13.75
C GLN A 41 16.09 0.54 14.94
N HIS A 42 14.81 0.94 14.80
CA HIS A 42 13.82 0.72 15.86
C HIS A 42 13.16 -0.65 15.74
N PHE A 43 13.28 -1.29 14.58
CA PHE A 43 12.64 -2.59 14.38
C PHE A 43 13.10 -3.65 15.40
N SER A 44 14.41 -3.69 15.76
CA SER A 44 14.91 -4.71 16.71
C SER A 44 14.17 -4.64 18.05
N GLN A 45 13.84 -3.41 18.52
CA GLN A 45 13.10 -3.23 19.78
CA GLN A 45 13.10 -3.22 19.78
C GLN A 45 11.65 -3.66 19.58
N ILE A 46 11.07 -3.38 18.39
CA ILE A 46 9.68 -3.79 18.09
C ILE A 46 9.61 -5.32 18.20
N VAL A 47 10.55 -6.02 17.56
CA VAL A 47 10.58 -7.48 17.61
C VAL A 47 10.79 -7.95 19.05
N ARG A 48 11.71 -7.30 19.80
CA ARG A 48 12.02 -7.67 21.17
C ARG A 48 10.76 -7.66 22.07
N VAL A 49 10.01 -6.55 22.07
N VAL A 49 10.00 -6.53 22.06
CA VAL A 49 8.81 -6.37 22.89
CA VAL A 49 8.80 -6.36 22.89
C VAL A 49 7.70 -7.36 22.47
C VAL A 49 7.67 -7.30 22.46
N LEU A 50 7.60 -7.67 21.17
CA LEU A 50 6.57 -8.60 20.67
C LEU A 50 6.90 -10.06 20.93
N THR A 51 8.18 -10.37 21.19
CA THR A 51 8.60 -11.76 21.35
C THR A 51 9.08 -12.06 22.79
N GLU A 52 8.71 -11.19 23.76
CA GLU A 52 9.11 -11.38 25.16
C GLU A 52 7.96 -11.97 25.98
N HIS A 57 3.94 -17.13 28.62
CA HIS A 57 4.73 -18.11 29.34
C HIS A 57 5.68 -18.89 28.37
N PRO A 58 6.66 -19.70 28.85
CA PRO A 58 7.54 -20.43 27.91
C PRO A 58 6.84 -21.50 27.04
N GLU A 59 5.56 -21.82 27.36
CA GLU A 59 4.74 -22.80 26.62
C GLU A 59 4.51 -22.36 25.15
N ILE A 60 4.40 -21.04 24.90
CA ILE A 60 4.14 -20.58 23.54
C ILE A 60 5.43 -20.25 22.82
N GLY A 61 6.57 -20.53 23.47
CA GLY A 61 7.92 -20.25 22.96
C GLY A 61 8.13 -20.54 21.50
N ASP A 62 7.73 -21.75 21.05
CA ASP A 62 7.90 -22.15 19.65
C ASP A 62 7.03 -21.27 18.71
N ALA A 63 5.82 -20.90 19.16
CA ALA A 63 4.95 -20.04 18.35
C ALA A 63 5.53 -18.62 18.29
N ILE A 64 6.12 -18.17 19.39
CA ILE A 64 6.73 -16.83 19.44
C ILE A 64 7.96 -16.79 18.51
N ALA A 65 8.72 -17.91 18.42
CA ALA A 65 9.88 -17.98 17.52
C ALA A 65 9.39 -17.87 16.05
N ARG A 66 8.24 -18.50 15.75
CA ARG A 66 7.67 -18.43 14.41
C ARG A 66 7.21 -16.97 14.15
N LEU A 67 6.58 -16.32 15.15
CA LEU A 67 6.18 -14.92 15.02
C LEU A 67 7.39 -14.05 14.66
N LYS A 68 8.54 -14.29 15.36
CA LYS A 68 9.76 -13.52 15.07
C LYS A 68 10.17 -13.73 13.59
N GLU A 69 10.13 -14.99 13.11
CA GLU A 69 10.50 -15.29 11.72
C GLU A 69 9.55 -14.57 10.73
N VAL A 70 8.25 -14.58 11.03
CA VAL A 70 7.25 -13.92 10.20
C VAL A 70 7.52 -12.43 10.14
N LEU A 71 7.81 -11.81 11.29
CA LEU A 71 8.10 -10.38 11.37
C LEU A 71 9.34 -10.01 10.56
N GLU A 72 10.44 -10.77 10.74
N GLU A 72 10.44 -10.78 10.75
CA GLU A 72 11.71 -10.48 10.06
CA GLU A 72 11.72 -10.53 10.07
C GLU A 72 11.59 -10.68 8.55
C GLU A 72 11.59 -10.69 8.56
N TYR A 73 10.80 -11.67 8.10
CA TYR A 73 10.67 -11.91 6.67
C TYR A 73 9.77 -10.92 5.97
N ASN A 74 8.63 -10.58 6.61
CA ASN A 74 7.57 -9.84 5.95
C ASN A 74 7.43 -8.38 6.30
N THR A 75 8.08 -7.90 7.38
CA THR A 75 7.91 -6.48 7.71
C THR A 75 9.15 -5.67 7.28
N ILE A 76 10.21 -6.36 6.81
CA ILE A 76 11.46 -5.73 6.37
C ILE A 76 11.67 -5.93 4.91
N GLY A 77 12.28 -4.94 4.27
CA GLY A 77 12.67 -5.08 2.87
C GLY A 77 11.96 -4.13 1.93
N GLY A 78 10.93 -3.46 2.42
CA GLY A 78 10.16 -2.48 1.66
C GLY A 78 10.79 -1.11 1.71
N LYS A 79 10.06 -0.09 1.22
CA LYS A 79 10.57 1.29 1.22
C LYS A 79 10.24 2.03 2.51
N TYR A 80 9.27 1.50 3.30
CA TYR A 80 8.81 2.10 4.58
C TYR A 80 8.16 3.45 4.35
N ASN A 81 7.57 3.67 3.16
CA ASN A 81 6.93 4.97 2.90
C ASN A 81 5.85 5.30 3.90
N ARG A 82 5.01 4.32 4.26
CA ARG A 82 3.90 4.59 5.19
C ARG A 82 4.41 4.85 6.61
N GLY A 83 5.31 4.00 7.11
CA GLY A 83 5.86 4.19 8.45
C GLY A 83 6.60 5.50 8.59
N LEU A 84 7.44 5.83 7.61
CA LEU A 84 8.21 7.09 7.62
C LEU A 84 7.26 8.29 7.53
N THR A 85 6.10 8.13 6.83
CA THR A 85 5.15 9.22 6.75
C THR A 85 4.61 9.52 8.16
N VAL A 86 4.30 8.48 8.95
CA VAL A 86 3.82 8.71 10.31
C VAL A 86 4.86 9.52 11.10
N VAL A 87 6.12 9.06 11.07
CA VAL A 87 7.19 9.68 11.85
C VAL A 87 7.45 11.15 11.42
N VAL A 88 7.58 11.40 10.10
CA VAL A 88 7.88 12.75 9.61
C VAL A 88 6.67 13.66 9.81
N ALA A 89 5.46 13.15 9.53
CA ALA A 89 4.29 14.03 9.75
C ALA A 89 4.15 14.36 11.23
N PHE A 90 4.40 13.40 12.15
CA PHE A 90 4.31 13.70 13.58
C PHE A 90 5.29 14.83 13.94
N ARG A 91 6.55 14.73 13.47
CA ARG A 91 7.58 15.73 13.75
CA ARG A 91 7.57 15.75 13.75
C ARG A 91 7.17 17.12 13.21
N GLU A 92 6.48 17.14 12.07
CA GLU A 92 6.06 18.41 11.46
C GLU A 92 4.76 18.96 12.05
N LEU A 93 4.00 18.12 12.76
CA LEU A 93 2.71 18.54 13.34
C LEU A 93 2.76 18.85 14.83
N VAL A 94 3.77 18.34 15.53
CA VAL A 94 3.89 18.53 16.98
C VAL A 94 4.99 19.53 17.27
N GLU A 95 4.71 20.47 18.21
CA GLU A 95 5.67 21.46 18.67
C GLU A 95 6.93 20.73 19.13
N PRO A 96 8.14 21.12 18.70
CA PRO A 96 9.34 20.38 19.12
C PRO A 96 9.52 20.23 20.64
N ARG A 97 9.08 21.22 21.47
N ARG A 97 9.08 21.23 21.46
CA ARG A 97 9.19 21.11 22.92
CA ARG A 97 9.20 21.14 22.92
C ARG A 97 8.37 19.91 23.47
C ARG A 97 8.28 20.04 23.53
N LYS A 98 7.37 19.46 22.71
CA LYS A 98 6.47 18.35 23.10
C LYS A 98 6.97 17.01 22.52
N GLN A 99 8.06 17.04 21.73
CA GLN A 99 8.62 15.83 21.13
C GLN A 99 9.66 15.21 22.09
N ASP A 100 9.21 14.81 23.30
N ASP A 100 9.20 14.79 23.27
CA ASP A 100 10.08 14.16 24.28
CA ASP A 100 9.99 14.11 24.30
C ASP A 100 10.32 12.70 23.85
C ASP A 100 10.31 12.67 23.84
N ALA A 101 11.30 12.02 24.47
CA ALA A 101 11.70 10.64 24.12
C ALA A 101 10.50 9.64 24.06
N ASP A 102 9.58 9.71 25.03
CA ASP A 102 8.43 8.79 25.03
C ASP A 102 7.45 9.09 23.88
N SER A 103 7.18 10.37 23.57
N SER A 103 7.17 10.37 23.58
CA SER A 103 6.26 10.73 22.47
CA SER A 103 6.25 10.72 22.48
C SER A 103 6.84 10.33 21.12
C SER A 103 6.83 10.33 21.14
N LEU A 104 8.16 10.52 20.95
CA LEU A 104 8.84 10.12 19.72
C LEU A 104 8.82 8.60 19.56
N GLN A 105 8.97 7.87 20.67
CA GLN A 105 8.89 6.40 20.66
C GLN A 105 7.49 5.94 20.23
N ARG A 106 6.46 6.63 20.72
CA ARG A 106 5.10 6.28 20.34
C ARG A 106 4.92 6.51 18.85
N ALA A 107 5.48 7.61 18.32
CA ALA A 107 5.37 7.94 16.89
C ALA A 107 6.04 6.87 16.00
N TRP A 108 7.28 6.42 16.36
N TRP A 108 7.27 6.42 16.32
CA TRP A 108 8.01 5.37 15.64
CA TRP A 108 7.88 5.41 15.44
C TRP A 108 7.23 4.08 15.67
C TRP A 108 7.22 4.05 15.65
N THR A 109 6.65 3.78 16.85
CA THR A 109 5.89 2.53 17.08
C THR A 109 4.62 2.52 16.21
N VAL A 110 3.89 3.63 16.14
CA VAL A 110 2.69 3.71 15.30
C VAL A 110 3.08 3.63 13.81
N GLY A 111 4.24 4.20 13.43
CA GLY A 111 4.69 4.04 12.05
C GLY A 111 4.97 2.57 11.76
N TRP A 112 5.56 1.84 12.72
CA TRP A 112 5.78 0.39 12.52
C TRP A 112 4.45 -0.37 12.49
N CYS A 113 3.42 0.12 13.19
CA CYS A 113 2.09 -0.49 13.13
C CYS A 113 1.57 -0.40 11.72
N VAL A 114 1.78 0.75 11.04
CA VAL A 114 1.29 0.82 9.66
C VAL A 114 2.09 -0.17 8.78
N GLU A 115 3.41 -0.34 9.07
CA GLU A 115 4.20 -1.31 8.30
C GLU A 115 3.71 -2.74 8.55
N LEU A 116 3.22 -3.04 9.76
CA LEU A 116 2.67 -4.36 10.05
C LEU A 116 1.35 -4.57 9.33
N LEU A 117 0.55 -3.50 9.18
CA LEU A 117 -0.69 -3.59 8.42
C LEU A 117 -0.37 -3.87 6.96
N GLN A 118 0.64 -3.15 6.41
CA GLN A 118 1.09 -3.40 5.05
C GLN A 118 1.52 -4.87 4.90
N ALA A 119 2.33 -5.36 5.87
CA ALA A 119 2.82 -6.75 5.81
C ALA A 119 1.66 -7.76 5.78
N PHE A 120 0.67 -7.56 6.64
CA PHE A 120 -0.51 -8.40 6.69
C PHE A 120 -1.20 -8.43 5.32
N PHE A 121 -1.47 -7.24 4.75
N PHE A 121 -1.47 -7.25 4.74
CA PHE A 121 -2.13 -7.15 3.46
CA PHE A 121 -2.17 -7.20 3.44
C PHE A 121 -1.34 -7.83 2.37
C PHE A 121 -1.33 -7.82 2.33
N LEU A 122 0.00 -7.61 2.32
CA LEU A 122 0.83 -8.18 1.25
C LEU A 122 0.95 -9.68 1.33
N VAL A 123 1.12 -10.24 2.55
CA VAL A 123 1.27 -11.71 2.64
C VAL A 123 0.00 -12.38 2.07
N ALA A 124 -1.18 -11.89 2.46
CA ALA A 124 -2.43 -12.48 1.98
C ALA A 124 -2.67 -12.16 0.49
N ASP A 125 -2.38 -10.90 0.06
CA ASP A 125 -2.57 -10.53 -1.33
C ASP A 125 -1.72 -11.43 -2.25
N ASP A 126 -0.47 -11.71 -1.82
CA ASP A 126 0.41 -12.54 -2.66
C ASP A 126 -0.17 -13.94 -2.85
N ILE A 127 -0.85 -14.50 -1.83
CA ILE A 127 -1.50 -15.81 -1.98
C ILE A 127 -2.66 -15.71 -2.99
N MET A 128 -3.52 -14.68 -2.79
CA MET A 128 -4.72 -14.54 -3.62
C MET A 128 -4.41 -14.16 -5.07
N ASP A 129 -3.27 -13.49 -5.29
CA ASP A 129 -2.88 -13.09 -6.64
C ASP A 129 -1.89 -14.10 -7.28
N SER A 130 -1.55 -15.21 -6.56
CA SER A 130 -0.65 -16.26 -7.08
C SER A 130 0.68 -15.64 -7.49
N SER A 131 1.17 -14.72 -6.65
CA SER A 131 2.43 -14.07 -6.96
C SER A 131 3.63 -14.96 -6.60
N LEU A 132 4.79 -14.63 -7.19
CA LEU A 132 6.01 -15.43 -7.01
C LEU A 132 7.06 -14.77 -6.11
N THR A 133 7.33 -13.46 -6.33
CA THR A 133 8.32 -12.74 -5.54
C THR A 133 7.74 -11.48 -4.94
N ARG A 134 8.38 -11.03 -3.87
CA ARG A 134 7.98 -9.80 -3.17
C ARG A 134 9.23 -9.20 -2.56
N ARG A 135 9.53 -7.91 -2.83
CA ARG A 135 10.68 -7.23 -2.24
C ARG A 135 11.98 -8.01 -2.49
N GLY A 136 12.09 -8.55 -3.70
CA GLY A 136 13.32 -9.18 -4.13
C GLY A 136 13.60 -10.59 -3.65
N GLN A 137 12.60 -11.22 -3.00
N GLN A 137 12.61 -11.21 -3.00
CA GLN A 137 12.75 -12.60 -2.53
CA GLN A 137 12.73 -12.58 -2.50
C GLN A 137 11.45 -13.37 -2.80
C GLN A 137 11.44 -13.37 -2.79
N ILE A 138 11.49 -14.71 -2.71
CA ILE A 138 10.28 -15.53 -2.92
C ILE A 138 9.17 -15.10 -1.91
N CYS A 139 7.91 -15.06 -2.35
CA CYS A 139 6.80 -14.72 -1.43
C CYS A 139 6.82 -15.69 -0.26
N TRP A 140 6.46 -15.19 0.92
CA TRP A 140 6.43 -16.04 2.10
C TRP A 140 5.65 -17.34 1.87
N TYR A 141 4.45 -17.27 1.28
CA TYR A 141 3.65 -18.51 1.11
C TYR A 141 4.29 -19.51 0.14
N GLN A 142 5.17 -19.03 -0.78
CA GLN A 142 5.83 -19.92 -1.74
C GLN A 142 7.07 -20.60 -1.13
N LYS A 143 7.49 -20.18 0.06
CA LYS A 143 8.64 -20.79 0.70
C LYS A 143 8.35 -22.22 1.07
N PRO A 144 9.22 -23.18 0.69
CA PRO A 144 8.99 -24.56 1.11
C PRO A 144 8.79 -24.63 2.63
N GLY A 145 7.72 -25.28 3.06
CA GLY A 145 7.40 -25.44 4.47
C GLY A 145 6.44 -24.41 5.04
N VAL A 146 6.11 -23.36 4.26
CA VAL A 146 5.17 -22.33 4.74
C VAL A 146 3.78 -22.60 4.13
N GLY A 147 3.64 -22.41 2.82
CA GLY A 147 2.39 -22.66 2.13
C GLY A 147 1.23 -21.88 2.69
N LEU A 148 0.09 -22.53 2.80
CA LEU A 148 -1.11 -21.84 3.30
C LEU A 148 -1.09 -21.59 4.82
N ASP A 149 -0.03 -22.02 5.54
CA ASP A 149 0.10 -21.60 6.94
C ASP A 149 0.32 -20.07 6.96
N ALA A 150 0.74 -19.49 5.83
CA ALA A 150 0.92 -18.05 5.70
C ALA A 150 -0.38 -17.30 5.99
N ILE A 151 -1.56 -17.95 5.88
CA ILE A 151 -2.81 -17.28 6.20
C ILE A 151 -2.81 -16.88 7.67
N ASN A 152 -2.42 -17.80 8.56
CA ASN A 152 -2.41 -17.49 9.99
C ASN A 152 -1.27 -16.51 10.29
N ASP A 153 -0.13 -16.65 9.59
CA ASP A 153 1.00 -15.74 9.80
C ASP A 153 0.58 -14.30 9.48
N ALA A 154 -0.19 -14.12 8.42
CA ALA A 154 -0.68 -12.78 8.02
C ALA A 154 -1.55 -12.21 9.15
N ASN A 155 -2.46 -13.03 9.68
CA ASN A 155 -3.31 -12.56 10.77
C ASN A 155 -2.50 -12.22 12.03
N LEU A 156 -1.36 -12.94 12.30
CA LEU A 156 -0.49 -12.60 13.45
C LEU A 156 0.11 -11.22 13.28
N LEU A 157 0.50 -10.86 12.05
CA LEU A 157 1.06 -9.52 11.79
C LEU A 157 0.03 -8.44 12.13
N GLU A 158 -1.25 -8.66 11.72
CA GLU A 158 -2.32 -7.71 12.02
C GLU A 158 -2.51 -7.62 13.55
N ALA A 159 -2.50 -8.77 14.25
CA ALA A 159 -2.69 -8.79 15.71
C ALA A 159 -1.62 -7.99 16.44
N CYS A 160 -0.37 -7.97 15.90
CA CYS A 160 0.75 -7.28 16.54
C CYS A 160 0.51 -5.78 16.58
N ILE A 161 -0.27 -5.24 15.62
CA ILE A 161 -0.60 -3.80 15.63
C ILE A 161 -1.23 -3.46 16.96
N TYR A 162 -2.28 -4.22 17.33
CA TYR A 162 -3.06 -3.90 18.54
C TYR A 162 -2.28 -4.17 19.81
N ARG A 163 -1.33 -5.12 19.76
N ARG A 163 -1.33 -5.12 19.79
CA ARG A 163 -0.42 -5.41 20.88
CA ARG A 163 -0.49 -5.34 20.98
C ARG A 163 0.46 -4.17 21.13
C ARG A 163 0.46 -4.14 21.16
N LEU A 164 1.02 -3.60 20.05
CA LEU A 164 1.88 -2.42 20.14
C LEU A 164 1.11 -1.20 20.58
N LEU A 165 -0.12 -1.00 20.04
CA LEU A 165 -0.92 0.17 20.46
C LEU A 165 -1.25 0.07 21.95
N LYS A 166 -1.58 -1.15 22.46
CA LYS A 166 -1.88 -1.27 23.89
C LYS A 166 -0.61 -1.03 24.75
N LEU A 167 0.54 -1.57 24.36
CA LEU A 167 1.76 -1.44 25.16
C LEU A 167 2.31 -0.03 25.22
N TYR A 168 2.16 0.75 24.15
CA TYR A 168 2.76 2.09 24.09
C TYR A 168 1.78 3.25 24.14
N CYS A 169 0.52 3.04 23.74
CA CYS A 169 -0.42 4.18 23.63
C CYS A 169 -1.65 4.10 24.52
N ARG A 170 -1.83 3.05 25.34
CA ARG A 170 -3.10 2.86 26.06
C ARG A 170 -3.49 4.01 26.98
N GLU A 171 -2.52 4.75 27.54
CA GLU A 171 -2.80 5.85 28.48
C GLU A 171 -2.97 7.19 27.78
N GLN A 172 -2.82 7.22 26.45
CA GLN A 172 -2.92 8.45 25.66
C GLN A 172 -4.35 8.81 25.29
N PRO A 173 -4.68 10.11 25.11
CA PRO A 173 -6.06 10.48 24.79
C PRO A 173 -6.49 10.02 23.40
N TYR A 174 -5.54 9.74 22.51
CA TYR A 174 -5.83 9.32 21.14
C TYR A 174 -5.87 7.81 20.96
N TYR A 175 -5.71 7.02 22.04
CA TYR A 175 -5.67 5.56 21.93
C TYR A 175 -6.89 4.97 21.17
N LEU A 176 -8.12 5.33 21.58
CA LEU A 176 -9.30 4.78 20.89
C LEU A 176 -9.37 5.28 19.44
N ASN A 177 -9.01 6.55 19.20
CA ASN A 177 -9.01 7.08 17.84
C ASN A 177 -8.09 6.25 16.95
N LEU A 178 -6.90 5.88 17.46
CA LEU A 178 -5.96 5.07 16.67
C LEU A 178 -6.51 3.67 16.46
N ILE A 179 -7.05 3.04 17.52
CA ILE A 179 -7.61 1.70 17.34
C ILE A 179 -8.67 1.72 16.23
N GLU A 180 -9.62 2.65 16.32
CA GLU A 180 -10.72 2.72 15.35
C GLU A 180 -10.19 3.06 13.95
N LEU A 181 -9.13 3.88 13.86
CA LEU A 181 -8.54 4.23 12.57
C LEU A 181 -7.93 3.01 11.89
N PHE A 182 -7.18 2.21 12.64
CA PHE A 182 -6.59 0.99 12.07
C PHE A 182 -7.67 -0.03 11.69
N LEU A 183 -8.70 -0.19 12.54
CA LEU A 183 -9.79 -1.13 12.23
C LEU A 183 -10.55 -0.68 10.99
N GLN A 184 -10.85 0.63 10.89
CA GLN A 184 -11.55 1.15 9.72
C GLN A 184 -10.71 0.98 8.47
N SER A 185 -9.40 1.26 8.56
CA SER A 185 -8.53 1.14 7.39
C SER A 185 -8.49 -0.30 6.90
N SER A 186 -8.52 -1.27 7.84
CA SER A 186 -8.51 -2.69 7.46
C SER A 186 -9.81 -3.06 6.75
N TYR A 187 -10.95 -2.63 7.30
CA TYR A 187 -12.23 -2.90 6.66
C TYR A 187 -12.27 -2.29 5.24
N GLN A 188 -11.89 -1.01 5.09
CA GLN A 188 -11.91 -0.38 3.77
C GLN A 188 -11.03 -1.15 2.80
N THR A 189 -9.82 -1.53 3.22
CA THR A 189 -8.91 -2.28 2.35
C THR A 189 -9.53 -3.61 1.93
N GLU A 190 -10.15 -4.33 2.89
CA GLU A 190 -10.75 -5.63 2.61
C GLU A 190 -11.95 -5.51 1.68
N ILE A 191 -12.75 -4.45 1.80
CA ILE A 191 -13.83 -4.19 0.85
C ILE A 191 -13.23 -3.93 -0.53
N GLY A 192 -12.13 -3.17 -0.58
CA GLY A 192 -11.47 -2.92 -1.86
C GLY A 192 -10.93 -4.19 -2.50
N GLN A 193 -10.34 -5.07 -1.65
CA GLN A 193 -9.83 -6.36 -2.11
C GLN A 193 -10.98 -7.21 -2.65
N THR A 194 -12.17 -7.14 -2.00
CA THR A 194 -13.33 -7.88 -2.50
C THR A 194 -13.70 -7.39 -3.89
N LEU A 195 -13.74 -6.06 -4.10
N LEU A 195 -13.74 -6.08 -4.11
CA LEU A 195 -14.06 -5.48 -5.41
CA LEU A 195 -14.09 -5.58 -5.43
C LEU A 195 -13.02 -5.92 -6.44
C LEU A 195 -13.01 -5.92 -6.45
N ASP A 196 -11.72 -5.91 -6.05
CA ASP A 196 -10.62 -6.30 -6.93
C ASP A 196 -10.78 -7.75 -7.39
N LEU A 197 -11.07 -8.66 -6.45
CA LEU A 197 -11.17 -10.08 -6.77
C LEU A 197 -12.48 -10.40 -7.51
N LEU A 198 -13.57 -9.70 -7.21
CA LEU A 198 -14.86 -9.93 -7.91
C LEU A 198 -14.77 -9.50 -9.37
N THR A 199 -14.03 -8.41 -9.65
CA THR A 199 -13.91 -7.88 -11.02
C THR A 199 -12.92 -8.73 -11.83
N ALA A 200 -12.16 -9.60 -11.15
CA ALA A 200 -11.14 -10.42 -11.81
C ALA A 200 -11.40 -11.93 -11.63
N PRO A 201 -12.56 -12.45 -12.12
CA PRO A 201 -12.82 -13.89 -11.95
C PRO A 201 -11.86 -14.71 -12.79
N GLN A 202 -11.36 -15.79 -12.20
CA GLN A 202 -10.47 -16.70 -12.89
C GLN A 202 -11.25 -17.44 -13.97
N GLY A 203 -10.65 -17.58 -15.13
CA GLY A 203 -11.26 -18.31 -16.23
C GLY A 203 -12.53 -17.76 -16.88
N ASN A 204 -12.90 -16.50 -16.58
CA ASN A 204 -14.07 -15.82 -17.13
C ASN A 204 -13.67 -14.49 -17.72
N VAL A 205 -14.17 -14.15 -18.91
CA VAL A 205 -13.95 -12.83 -19.54
C VAL A 205 -14.69 -11.79 -18.67
N ASP A 206 -14.06 -10.66 -18.32
CA ASP A 206 -14.75 -9.61 -17.57
C ASP A 206 -14.43 -8.23 -18.16
N LEU A 207 -14.12 -8.18 -19.48
CA LEU A 207 -13.80 -6.89 -20.13
C LEU A 207 -14.89 -5.84 -19.91
N VAL A 208 -16.18 -6.23 -19.95
N VAL A 208 -16.19 -6.24 -19.93
CA VAL A 208 -17.34 -5.33 -19.78
CA VAL A 208 -17.36 -5.36 -19.75
C VAL A 208 -17.28 -4.58 -18.42
C VAL A 208 -17.33 -4.62 -18.41
N ARG A 209 -16.70 -5.20 -17.37
CA ARG A 209 -16.61 -4.55 -16.06
C ARG A 209 -15.35 -3.73 -15.88
N PHE A 210 -14.44 -3.70 -16.87
CA PHE A 210 -13.21 -2.93 -16.75
C PHE A 210 -13.42 -1.47 -17.18
N THR A 211 -14.18 -0.73 -16.38
CA THR A 211 -14.52 0.67 -16.63
C THR A 211 -13.71 1.59 -15.71
N GLU A 212 -13.59 2.87 -16.09
CA GLU A 212 -12.91 3.86 -15.27
C GLU A 212 -13.64 4.02 -13.92
N LYS A 213 -14.99 3.96 -13.92
CA LYS A 213 -15.79 4.09 -12.69
C LYS A 213 -15.51 2.92 -11.73
N ARG A 214 -15.42 1.68 -12.24
CA ARG A 214 -15.14 0.52 -11.39
C ARG A 214 -13.71 0.64 -10.89
N TYR A 215 -12.78 1.02 -11.79
CA TYR A 215 -11.39 1.14 -11.43
C TYR A 215 -11.22 2.12 -10.25
N LYS A 216 -11.81 3.30 -10.35
CA LYS A 216 -11.64 4.32 -9.30
C LYS A 216 -12.15 3.83 -7.95
N SER A 217 -13.25 3.06 -7.95
N SER A 217 -13.26 3.07 -7.94
N SER A 217 -13.25 3.08 -7.93
CA SER A 217 -13.85 2.50 -6.74
CA SER A 217 -13.85 2.50 -6.73
CA SER A 217 -13.79 2.55 -6.67
C SER A 217 -12.96 1.43 -6.11
C SER A 217 -12.94 1.44 -6.10
C SER A 217 -12.84 1.49 -6.09
N ILE A 218 -12.35 0.55 -6.93
CA ILE A 218 -11.43 -0.48 -6.42
C ILE A 218 -10.25 0.16 -5.72
N VAL A 219 -9.58 1.10 -6.42
CA VAL A 219 -8.33 1.61 -5.87
C VAL A 219 -8.53 2.55 -4.66
N LYS A 220 -9.65 3.29 -4.63
CA LYS A 220 -9.94 4.13 -3.47
C LYS A 220 -9.97 3.26 -2.22
N TYR A 221 -10.70 2.14 -2.30
CA TYR A 221 -10.85 1.29 -1.14
C TYR A 221 -9.65 0.38 -0.88
N LYS A 222 -9.13 -0.30 -1.90
CA LYS A 222 -8.06 -1.26 -1.63
C LYS A 222 -6.72 -0.60 -1.29
N THR A 223 -6.45 0.62 -1.80
CA THR A 223 -5.14 1.19 -1.58
C THR A 223 -5.15 2.56 -0.96
N ALA A 224 -5.98 3.48 -1.44
CA ALA A 224 -5.87 4.89 -1.04
C ALA A 224 -6.05 5.14 0.45
N PHE A 225 -7.03 4.48 1.10
N PHE A 225 -7.01 4.48 1.09
CA PHE A 225 -7.30 4.71 2.53
CA PHE A 225 -7.22 4.74 2.49
C PHE A 225 -6.14 4.28 3.43
C PHE A 225 -6.04 4.32 3.34
N TYR A 226 -5.64 3.04 3.29
CA TYR A 226 -4.59 2.59 4.19
C TYR A 226 -3.21 3.09 3.84
N SER A 227 -2.94 3.38 2.56
CA SER A 227 -1.59 3.78 2.21
C SER A 227 -1.36 5.28 2.31
N PHE A 228 -2.44 6.09 2.27
CA PHE A 228 -2.25 7.54 2.26
C PHE A 228 -3.01 8.22 3.36
N TYR A 229 -4.29 7.88 3.56
CA TYR A 229 -5.01 8.56 4.62
C TYR A 229 -4.54 8.09 6.01
N LEU A 230 -4.47 6.75 6.22
CA LEU A 230 -4.08 6.20 7.53
C LEU A 230 -2.79 6.80 8.10
N PRO A 231 -1.64 6.84 7.39
CA PRO A 231 -0.42 7.32 8.06
C PRO A 231 -0.51 8.77 8.50
N ILE A 232 -1.08 9.64 7.64
CA ILE A 232 -1.23 11.06 7.98
C ILE A 232 -2.25 11.22 9.09
N ALA A 233 -3.40 10.53 8.98
CA ALA A 233 -4.43 10.64 10.01
C ALA A 233 -3.91 10.16 11.37
N ALA A 234 -3.06 9.12 11.40
CA ALA A 234 -2.52 8.63 12.67
C ALA A 234 -1.65 9.71 13.32
N ALA A 235 -0.78 10.36 12.51
CA ALA A 235 0.05 11.44 13.02
C ALA A 235 -0.81 12.63 13.48
N MET A 236 -1.89 12.93 12.72
CA MET A 236 -2.81 14.01 13.12
C MET A 236 -3.43 13.71 14.51
N TYR A 237 -3.93 12.46 14.72
CA TYR A 237 -4.55 12.14 16.00
C TYR A 237 -3.54 12.21 17.14
N MET A 238 -2.29 11.76 16.90
CA MET A 238 -1.24 11.79 17.93
C MET A 238 -0.85 13.23 18.27
N ALA A 239 -1.00 14.15 17.29
CA ALA A 239 -0.71 15.59 17.46
C ALA A 239 -1.90 16.35 18.07
N GLY A 240 -2.99 15.63 18.35
CA GLY A 240 -4.19 16.25 18.93
C GLY A 240 -5.14 16.86 17.93
N ILE A 241 -4.92 16.59 16.62
CA ILE A 241 -5.77 17.11 15.55
C ILE A 241 -6.81 16.05 15.26
N ASP A 242 -8.00 16.18 15.89
CA ASP A 242 -9.04 15.17 15.76
C ASP A 242 -10.33 15.67 15.08
N GLY A 243 -10.33 16.93 14.63
CA GLY A 243 -11.49 17.57 14.00
C GLY A 243 -11.91 16.88 12.72
N GLU A 244 -13.23 16.64 12.58
CA GLU A 244 -13.83 15.99 11.41
C GLU A 244 -13.47 16.73 10.12
N LYS A 245 -13.60 18.08 10.12
CA LYS A 245 -13.33 18.87 8.91
C LYS A 245 -11.85 18.79 8.49
N GLU A 246 -10.91 18.88 9.45
CA GLU A 246 -9.48 18.79 9.13
C GLU A 246 -9.13 17.42 8.57
N HIS A 247 -9.73 16.34 9.13
CA HIS A 247 -9.47 15.00 8.61
C HIS A 247 -10.09 14.86 7.22
N ALA A 248 -11.30 15.44 7.00
CA ALA A 248 -11.99 15.37 5.70
C ALA A 248 -11.16 16.09 4.62
N ASN A 249 -10.58 17.26 4.95
CA ASN A 249 -9.76 18.04 4.00
C ASN A 249 -8.49 17.28 3.64
N ALA A 250 -7.83 16.67 4.64
CA ALA A 250 -6.61 15.88 4.39
C ALA A 250 -6.95 14.69 3.51
N LYS A 251 -8.10 14.04 3.80
CA LYS A 251 -8.57 12.89 3.04
C LYS A 251 -8.80 13.26 1.56
N LYS A 252 -9.26 14.52 1.28
CA LYS A 252 -9.50 14.94 -0.12
C LYS A 252 -8.20 14.84 -0.93
N ILE A 253 -7.09 15.32 -0.36
CA ILE A 253 -5.79 15.24 -1.02
C ILE A 253 -5.31 13.79 -1.11
N LEU A 254 -5.34 13.11 0.04
CA LEU A 254 -4.69 11.81 0.19
C LEU A 254 -5.34 10.70 -0.63
N LEU A 255 -6.68 10.67 -0.73
CA LEU A 255 -7.31 9.61 -1.54
C LEU A 255 -6.97 9.79 -3.01
N GLU A 256 -6.78 11.04 -3.46
CA GLU A 256 -6.42 11.29 -4.86
C GLU A 256 -4.99 10.86 -5.11
N MET A 257 -4.09 11.10 -4.14
N MET A 257 -4.10 11.10 -4.13
CA MET A 257 -2.71 10.63 -4.21
CA MET A 257 -2.71 10.67 -4.19
C MET A 257 -2.71 9.11 -4.32
C MET A 257 -2.64 9.13 -4.22
N GLY A 258 -3.55 8.47 -3.50
CA GLY A 258 -3.67 7.01 -3.45
C GLY A 258 -4.09 6.42 -4.78
N GLU A 259 -4.99 7.12 -5.50
CA GLU A 259 -5.42 6.67 -6.83
C GLU A 259 -4.20 6.68 -7.77
N PHE A 260 -3.39 7.76 -7.77
CA PHE A 260 -2.22 7.76 -8.61
C PHE A 260 -1.26 6.64 -8.23
N ALA A 261 -1.05 6.40 -6.91
CA ALA A 261 -0.11 5.37 -6.49
C ALA A 261 -0.49 3.99 -7.04
N GLN A 262 -1.80 3.69 -7.08
CA GLN A 262 -2.21 2.40 -7.60
C GLN A 262 -2.10 2.35 -9.10
N ILE A 263 -2.30 3.49 -9.78
CA ILE A 263 -2.16 3.52 -11.25
C ILE A 263 -0.69 3.27 -11.59
N GLN A 264 0.21 3.90 -10.84
CA GLN A 264 1.64 3.68 -11.03
C GLN A 264 1.98 2.20 -10.74
N ASP A 265 1.37 1.62 -9.70
CA ASP A 265 1.62 0.20 -9.40
C ASP A 265 1.19 -0.67 -10.57
N ASP A 266 0.01 -0.36 -11.15
CA ASP A 266 -0.50 -1.14 -12.28
C ASP A 266 0.39 -1.01 -13.50
N TYR A 267 0.89 0.20 -13.75
CA TYR A 267 1.79 0.42 -14.88
C TYR A 267 3.06 -0.41 -14.67
N LEU A 268 3.64 -0.38 -13.45
CA LEU A 268 4.89 -1.06 -13.16
C LEU A 268 4.73 -2.56 -13.16
N ASP A 269 3.50 -3.08 -12.93
CA ASP A 269 3.29 -4.54 -12.96
C ASP A 269 3.79 -5.14 -14.27
N LEU A 270 3.61 -4.39 -15.37
CA LEU A 270 3.99 -4.86 -16.68
C LEU A 270 5.24 -4.19 -17.22
N PHE A 271 5.40 -2.88 -16.99
CA PHE A 271 6.51 -2.14 -17.59
C PHE A 271 7.66 -1.79 -16.63
N GLY A 272 7.54 -2.17 -15.37
CA GLY A 272 8.62 -1.92 -14.42
C GLY A 272 9.74 -2.93 -14.55
N ASP A 273 10.92 -2.53 -14.10
CA ASP A 273 12.10 -3.38 -14.10
C ASP A 273 12.03 -4.26 -12.82
N PRO A 274 11.94 -5.61 -12.89
CA PRO A 274 11.82 -6.43 -11.65
C PRO A 274 12.99 -6.24 -10.68
N SER A 275 14.19 -5.83 -11.17
CA SER A 275 15.35 -5.55 -10.31
CA SER A 275 15.33 -5.58 -10.29
C SER A 275 15.06 -4.36 -9.39
N VAL A 276 14.18 -3.45 -9.86
CA VAL A 276 13.77 -2.25 -9.13
C VAL A 276 12.49 -2.54 -8.33
N THR A 277 11.45 -3.11 -8.97
CA THR A 277 10.16 -3.32 -8.30
C THR A 277 10.22 -4.42 -7.22
N GLY A 278 11.14 -5.35 -7.39
CA GLY A 278 11.31 -6.48 -6.46
C GLY A 278 10.25 -7.54 -6.58
N LYS A 279 9.41 -7.48 -7.63
CA LYS A 279 8.33 -8.46 -7.73
C LYS A 279 7.98 -8.70 -9.18
N ILE A 280 7.38 -9.87 -9.45
N ILE A 280 7.37 -9.86 -9.45
CA ILE A 280 6.94 -10.27 -10.77
CA ILE A 280 6.95 -10.21 -10.79
C ILE A 280 5.44 -9.94 -10.91
C ILE A 280 5.45 -9.95 -10.93
N GLY A 281 5.08 -9.28 -12.01
CA GLY A 281 3.69 -8.94 -12.31
C GLY A 281 2.82 -10.12 -12.67
N THR A 282 1.55 -10.03 -12.31
CA THR A 282 0.56 -11.08 -12.55
C THR A 282 -0.77 -10.51 -13.01
N ASP A 283 -0.89 -9.21 -13.22
CA ASP A 283 -2.22 -8.64 -13.49
C ASP A 283 -2.91 -9.20 -14.73
N ILE A 284 -2.18 -9.35 -15.84
CA ILE A 284 -2.77 -9.87 -17.07
C ILE A 284 -3.23 -11.33 -16.84
N GLN A 285 -2.35 -12.20 -16.31
CA GLN A 285 -2.69 -13.61 -16.04
C GLN A 285 -3.88 -13.72 -15.07
N ASP A 286 -3.96 -12.78 -14.10
CA ASP A 286 -5.00 -12.80 -13.07
C ASP A 286 -6.29 -12.10 -13.48
N ASN A 287 -6.42 -11.61 -14.74
CA ASN A 287 -7.66 -10.99 -15.24
C ASN A 287 -8.03 -9.75 -14.43
N LYS A 288 -7.02 -8.97 -14.00
N LYS A 288 -7.03 -8.95 -14.02
CA LYS A 288 -7.26 -7.80 -13.14
CA LYS A 288 -7.26 -7.79 -13.18
C LYS A 288 -7.77 -6.60 -13.89
C LYS A 288 -7.78 -6.58 -13.92
N CYS A 289 -8.59 -5.79 -13.20
CA CYS A 289 -9.09 -4.52 -13.67
C CYS A 289 -7.97 -3.48 -13.45
N SER A 290 -6.87 -3.65 -14.18
N SER A 290 -6.87 -3.66 -14.16
CA SER A 290 -5.70 -2.80 -14.11
CA SER A 290 -5.73 -2.77 -14.04
C SER A 290 -5.95 -1.50 -14.87
C SER A 290 -5.99 -1.49 -14.81
N TRP A 291 -5.28 -0.41 -14.45
CA TRP A 291 -5.44 0.87 -15.18
C TRP A 291 -5.06 0.67 -16.67
N LEU A 292 -4.07 -0.22 -16.93
CA LEU A 292 -3.65 -0.47 -18.30
C LEU A 292 -4.76 -1.07 -19.13
N VAL A 293 -5.50 -2.06 -18.61
CA VAL A 293 -6.55 -2.67 -19.46
C VAL A 293 -7.72 -1.70 -19.63
N VAL A 294 -7.98 -0.83 -18.61
CA VAL A 294 -9.05 0.16 -18.70
C VAL A 294 -8.73 1.16 -19.85
N GLN A 295 -7.46 1.62 -19.89
CA GLN A 295 -6.97 2.53 -20.92
C GLN A 295 -6.94 1.86 -22.28
N CYS A 296 -6.56 0.57 -22.34
CA CYS A 296 -6.56 -0.21 -23.57
C CYS A 296 -7.97 -0.23 -24.18
N LEU A 297 -8.98 -0.56 -23.34
CA LEU A 297 -10.38 -0.67 -23.78
C LEU A 297 -10.95 0.65 -24.27
N GLN A 298 -10.49 1.77 -23.70
CA GLN A 298 -10.95 3.09 -24.14
C GLN A 298 -10.40 3.50 -25.51
N ARG A 299 -9.26 2.92 -25.93
N ARG A 299 -9.26 2.90 -25.93
CA ARG A 299 -8.57 3.26 -27.18
CA ARG A 299 -8.55 3.26 -27.16
C ARG A 299 -8.68 2.20 -28.27
C ARG A 299 -8.57 2.18 -28.25
N ALA A 300 -8.97 0.95 -27.90
CA ALA A 300 -9.00 -0.18 -28.84
C ALA A 300 -10.00 -0.09 -29.97
N THR A 301 -9.55 -0.50 -31.17
CA THR A 301 -10.41 -0.70 -32.33
C THR A 301 -11.18 -2.01 -32.09
N PRO A 302 -12.22 -2.36 -32.86
CA PRO A 302 -12.89 -3.66 -32.65
C PRO A 302 -11.93 -4.85 -32.84
N GLU A 303 -10.93 -4.73 -33.75
CA GLU A 303 -9.96 -5.80 -34.01
C GLU A 303 -9.04 -5.97 -32.79
N GLN A 304 -8.61 -4.85 -32.19
CA GLN A 304 -7.77 -4.87 -30.98
C GLN A 304 -8.56 -5.40 -29.78
N TYR A 305 -9.86 -5.06 -29.67
CA TYR A 305 -10.72 -5.56 -28.58
C TYR A 305 -10.74 -7.09 -28.63
N GLN A 306 -10.89 -7.66 -29.85
CA GLN A 306 -10.93 -9.11 -30.00
C GLN A 306 -9.62 -9.74 -29.56
N ILE A 307 -8.48 -9.11 -29.88
CA ILE A 307 -7.14 -9.58 -29.47
C ILE A 307 -7.09 -9.58 -27.92
N LEU A 308 -7.54 -8.50 -27.30
CA LEU A 308 -7.54 -8.43 -25.85
C LEU A 308 -8.45 -9.52 -25.24
N LYS A 309 -9.67 -9.66 -25.79
CA LYS A 309 -10.62 -10.66 -25.32
C LYS A 309 -10.04 -12.08 -25.36
N GLU A 310 -9.35 -12.43 -26.45
CA GLU A 310 -8.80 -13.77 -26.62
C GLU A 310 -7.56 -14.06 -25.77
N ASN A 311 -6.82 -13.01 -25.37
CA ASN A 311 -5.54 -13.22 -24.71
C ASN A 311 -5.46 -12.81 -23.24
N TYR A 312 -6.38 -11.98 -22.77
CA TYR A 312 -6.33 -11.51 -21.38
C TYR A 312 -6.82 -12.55 -20.35
N GLY A 313 -6.30 -12.46 -19.14
CA GLY A 313 -6.73 -13.30 -18.01
C GLY A 313 -6.41 -14.77 -18.10
N GLN A 314 -5.32 -15.12 -18.79
CA GLN A 314 -4.91 -16.52 -19.01
C GLN A 314 -3.43 -16.69 -18.67
N LYS A 315 -3.04 -17.90 -18.22
N LYS A 315 -3.03 -17.88 -18.24
CA LYS A 315 -1.68 -18.22 -17.77
CA LYS A 315 -1.66 -18.13 -17.76
C LYS A 315 -0.63 -18.31 -18.91
C LYS A 315 -0.62 -18.34 -18.90
N GLU A 316 -1.06 -18.57 -20.16
CA GLU A 316 -0.13 -18.79 -21.28
C GLU A 316 0.76 -17.58 -21.53
N ALA A 317 2.08 -17.78 -21.43
CA ALA A 317 3.04 -16.67 -21.63
C ALA A 317 2.88 -15.99 -22.99
N GLU A 318 2.59 -16.74 -24.06
CA GLU A 318 2.43 -16.12 -25.39
C GLU A 318 1.19 -15.19 -25.42
N LYS A 319 0.13 -15.50 -24.62
CA LYS A 319 -1.09 -14.68 -24.55
C LYS A 319 -0.78 -13.39 -23.80
N VAL A 320 -0.03 -13.49 -22.70
CA VAL A 320 0.42 -12.33 -21.91
C VAL A 320 1.29 -11.42 -22.82
N ALA A 321 2.20 -12.03 -23.62
CA ALA A 321 3.04 -11.24 -24.53
C ALA A 321 2.21 -10.50 -25.59
N ARG A 322 1.11 -11.12 -26.07
N ARG A 322 1.11 -11.11 -26.09
CA ARG A 322 0.22 -10.49 -27.06
CA ARG A 322 0.24 -10.47 -27.09
C ARG A 322 -0.44 -9.24 -26.48
C ARG A 322 -0.45 -9.23 -26.50
N VAL A 323 -0.87 -9.32 -25.21
CA VAL A 323 -1.49 -8.19 -24.52
C VAL A 323 -0.46 -7.06 -24.37
N LYS A 324 0.76 -7.40 -23.91
CA LYS A 324 1.80 -6.38 -23.75
C LYS A 324 2.09 -5.71 -25.10
N ALA A 325 2.18 -6.51 -26.19
CA ALA A 325 2.42 -5.92 -27.50
C ALA A 325 1.28 -4.95 -27.90
N LEU A 326 0.02 -5.30 -27.56
CA LEU A 326 -1.13 -4.43 -27.86
C LEU A 326 -1.01 -3.11 -27.10
N TYR A 327 -0.65 -3.20 -25.82
CA TYR A 327 -0.46 -2.00 -24.98
C TYR A 327 0.60 -1.09 -25.58
N GLU A 328 1.70 -1.68 -26.09
CA GLU A 328 2.78 -0.89 -26.71
C GLU A 328 2.32 -0.27 -28.02
N GLU A 329 1.48 -1.00 -28.80
CA GLU A 329 0.94 -0.49 -30.06
C GLU A 329 0.03 0.72 -29.81
N LEU A 330 -0.70 0.72 -28.66
CA LEU A 330 -1.60 1.81 -28.26
C LEU A 330 -0.88 2.93 -27.49
N ASP A 331 0.47 2.84 -27.38
N ASP A 331 0.48 2.88 -27.40
CA ASP A 331 1.37 3.79 -26.72
CA ASP A 331 1.31 3.90 -26.75
C ASP A 331 0.94 4.04 -25.28
C ASP A 331 0.93 4.08 -25.27
N LEU A 332 0.55 2.98 -24.57
CA LEU A 332 0.13 3.10 -23.16
C LEU A 332 1.26 3.60 -22.25
N PRO A 333 2.57 3.27 -22.45
CA PRO A 333 3.59 3.91 -21.60
C PRO A 333 3.58 5.45 -21.76
N ALA A 334 3.35 5.99 -23.00
CA ALA A 334 3.28 7.46 -23.19
C ALA A 334 2.03 8.03 -22.54
N VAL A 335 0.91 7.28 -22.57
CA VAL A 335 -0.34 7.71 -21.95
C VAL A 335 -0.11 7.79 -20.43
N PHE A 336 0.58 6.78 -19.88
CA PHE A 336 0.91 6.81 -18.45
C PHE A 336 1.80 8.01 -18.08
N LEU A 337 2.85 8.32 -18.86
N LEU A 337 2.84 8.32 -18.88
CA LEU A 337 3.73 9.45 -18.53
CA LEU A 337 3.76 9.44 -18.62
C LEU A 337 2.97 10.78 -18.53
C LEU A 337 2.98 10.76 -18.56
N GLN A 338 2.05 10.97 -19.51
CA GLN A 338 1.20 12.17 -19.59
C GLN A 338 0.25 12.21 -18.38
N TYR A 339 -0.28 11.04 -18.01
CA TYR A 339 -1.18 10.95 -16.87
C TYR A 339 -0.45 11.32 -15.58
N GLU A 340 0.79 10.85 -15.42
CA GLU A 340 1.57 11.14 -14.21
C GLU A 340 1.76 12.67 -14.05
N GLU A 341 2.06 13.36 -15.15
N GLU A 341 2.05 13.38 -15.14
CA GLU A 341 2.22 14.82 -15.17
CA GLU A 341 2.25 14.83 -15.06
C GLU A 341 0.93 15.50 -14.73
C GLU A 341 0.93 15.56 -14.75
N ASP A 342 -0.19 15.15 -15.39
CA ASP A 342 -1.51 15.74 -15.11
C ASP A 342 -1.98 15.41 -13.69
N SER A 343 -1.72 14.18 -13.21
CA SER A 343 -2.06 13.78 -11.86
C SER A 343 -1.29 14.60 -10.83
N TYR A 344 0.03 14.76 -11.04
CA TYR A 344 0.85 15.54 -10.12
C TYR A 344 0.30 16.96 -10.01
N SER A 345 0.00 17.61 -11.16
CA SER A 345 -0.54 18.97 -11.13
C SER A 345 -1.88 19.05 -10.41
N HIS A 346 -2.70 17.99 -10.52
CA HIS A 346 -4.00 17.94 -9.87
C HIS A 346 -3.83 17.82 -8.36
N ILE A 347 -2.92 16.92 -7.90
CA ILE A 347 -2.71 16.72 -6.48
C ILE A 347 -2.12 18.00 -5.89
N MET A 348 -1.23 18.68 -6.64
CA MET A 348 -0.63 19.91 -6.10
C MET A 348 -1.69 21.00 -5.95
N ALA A 349 -2.66 21.05 -6.89
CA ALA A 349 -3.76 22.01 -6.82
C ALA A 349 -4.65 21.67 -5.61
N LEU A 350 -4.82 20.38 -5.30
CA LEU A 350 -5.61 19.99 -4.12
C LEU A 350 -4.87 20.35 -2.82
N ILE A 351 -3.52 20.25 -2.81
CA ILE A 351 -2.74 20.70 -1.64
C ILE A 351 -2.97 22.21 -1.42
N GLU A 352 -2.94 22.99 -2.52
CA GLU A 352 -3.17 24.44 -2.39
C GLU A 352 -4.58 24.73 -1.82
N GLN A 353 -5.59 23.93 -2.21
CA GLN A 353 -6.94 24.14 -1.75
C GLN A 353 -7.20 23.65 -0.31
N TYR A 354 -6.66 22.48 0.03
CA TYR A 354 -7.04 21.79 1.26
C TYR A 354 -5.99 21.58 2.35
N ALA A 355 -4.71 21.92 2.14
CA ALA A 355 -3.67 21.67 3.16
C ALA A 355 -3.90 22.48 4.45
N ALA A 356 -4.23 23.77 4.34
CA ALA A 356 -4.41 24.64 5.50
C ALA A 356 -5.41 24.05 6.51
N PRO A 357 -5.13 24.11 7.83
CA PRO A 357 -3.99 24.80 8.49
C PRO A 357 -2.74 23.92 8.67
N LEU A 358 -2.70 22.74 8.03
CA LEU A 358 -1.54 21.87 8.18
C LEU A 358 -0.38 22.38 7.32
N PRO A 359 0.90 22.14 7.69
CA PRO A 359 1.99 22.57 6.81
C PRO A 359 1.94 21.84 5.47
N PRO A 360 2.00 22.58 4.34
CA PRO A 360 1.98 21.91 3.03
C PRO A 360 3.08 20.87 2.90
N ALA A 361 4.22 21.04 3.65
CA ALA A 361 5.36 20.08 3.62
C ALA A 361 4.90 18.65 3.97
N VAL A 362 3.87 18.52 4.82
CA VAL A 362 3.35 17.20 5.22
C VAL A 362 2.92 16.42 3.97
N PHE A 363 2.20 17.11 3.06
CA PHE A 363 1.70 16.47 1.85
C PHE A 363 2.74 16.44 0.77
N LEU A 364 3.59 17.50 0.68
CA LEU A 364 4.63 17.56 -0.35
C LEU A 364 5.64 16.43 -0.20
N GLY A 365 6.00 16.13 1.05
CA GLY A 365 6.97 15.09 1.33
C GLY A 365 6.46 13.71 0.93
N LEU A 366 5.14 13.46 1.10
CA LEU A 366 4.53 12.19 0.69
C LEU A 366 4.45 12.15 -0.84
N ALA A 367 4.09 13.27 -1.50
CA ALA A 367 4.04 13.33 -2.97
C ALA A 367 5.42 13.02 -3.56
N ARG A 368 6.50 13.51 -2.93
CA ARG A 368 7.87 13.28 -3.39
C ARG A 368 8.21 11.77 -3.38
N LYS A 369 7.66 11.02 -2.42
CA LYS A 369 7.90 9.59 -2.30
C LYS A 369 7.26 8.82 -3.45
N ILE A 370 6.12 9.31 -3.99
CA ILE A 370 5.44 8.55 -5.05
C ILE A 370 5.71 9.09 -6.47
N TYR A 371 5.87 10.41 -6.65
CA TYR A 371 6.14 11.02 -7.97
C TYR A 371 7.67 11.19 -8.12
N LYS A 372 8.30 10.28 -8.89
CA LYS A 372 9.75 10.20 -9.18
C LYS A 372 10.58 10.07 -7.90
MG MG B . -0.97 -8.38 -5.64
MG MG C . 0.06 -4.48 -8.44
MG MG D . -3.98 -7.84 -5.31
O12 RIS E . 0.68 -7.14 -5.48
P9 RIS E . 0.93 -5.62 -5.53
O11 RIS E . 1.23 -5.11 -6.94
O10 RIS E . 2.05 -5.24 -4.57
C8 RIS E . -0.56 -4.74 -4.88
O13 RIS E . -0.38 -3.34 -5.08
P14 RIS E . -2.03 -5.25 -5.98
O16 RIS E . -3.23 -4.45 -5.53
O15 RIS E . -2.29 -6.78 -5.74
O17 RIS E . -1.63 -4.89 -7.43
C7 RIS E . -0.75 -5.12 -3.46
C2 RIS E . -1.95 -4.54 -2.66
C1 RIS E . -2.50 -5.31 -1.66
C6 RIS E . -3.60 -4.78 -0.91
C5 RIS E . -4.06 -3.51 -1.23
N4 RIS E . -3.47 -2.76 -2.19
C3 RIS E . -2.43 -3.21 -2.90
C1 IPE F . 2.81 -1.87 -2.54
O1 IPE F . 3.21 -0.84 -1.69
C2 IPE F . 1.34 -2.04 -2.63
C3 IPE F . 0.57 -0.81 -2.99
C4 IPE F . -0.56 -0.33 -2.17
C5 IPE F . 0.86 -0.12 -4.28
PA IPE F . 4.72 -0.38 -1.65
O1A IPE F . 5.15 -0.07 -3.07
O2A IPE F . 4.73 0.79 -0.71
O3A IPE F . 5.48 -1.61 -1.06
PB IPE F . 6.69 -1.78 -0.06
O1B IPE F . 7.42 -3.03 -0.49
O2B IPE F . 7.58 -0.56 -0.18
O3B IPE F . 6.11 -1.92 1.34
C1 EDO G . 10.53 -1.97 -4.22
O1 EDO G . 9.87 -0.74 -4.51
C2 EDO G . 9.62 -2.80 -3.29
O2 EDO G . 9.57 -2.11 -2.07
C1 EDO H . -14.81 -0.18 13.27
O1 EDO H . -14.12 0.54 14.29
C2 EDO H . -14.00 -0.04 11.98
O2 EDO H . -14.68 -0.61 10.89
#